data_6NLO
#
_entry.id   6NLO
#
_cell.length_a   92.600
_cell.length_b   92.600
_cell.length_c   45.510
_cell.angle_alpha   90.000
_cell.angle_beta   90.000
_cell.angle_gamma   120.000
#
_symmetry.space_group_name_H-M   'P 32 2 1'
#
loop_
_entity.id
_entity.type
_entity.pdbx_description
1 polymer 'Multidrug resistance-associated protein 6'
2 non-polymer 'SULFATE ION'
#
_entity_poly.entity_id   1
_entity_poly.type   'polypeptide(L)'
_entity_poly.pdbx_seq_one_letter_code
;SAAGKDCITIHSATFAWSQESPPCLHRINLTVPQGCLLAVVGPVGAGKSSLLSALLGELSKVEGFVSIEGAVAYVPQEAW
VQNTSVVENVCFGQELDPPWLERVLEACALQPDVDSFPEGIHTSIGEQGMNLSGGQKQRLSLARAVYRKAAVYLLDDPLA
ALDAHVGQHVFNQVIGPGGLLQGTTRILVTAALHILPQADWIIVLANGAIAEMGSYQELLQRKGALVCLLDQARQPGD
;
_entity_poly.pdbx_strand_id   A
#
# COMPACT_ATOMS: atom_id res chain seq x y z
N ALA A 3 19.09 -1.90 14.20
CA ALA A 3 17.81 -2.07 13.51
C ALA A 3 16.70 -1.29 14.22
N GLY A 4 15.64 -0.99 13.49
CA GLY A 4 14.56 -0.19 14.03
C GLY A 4 13.57 -0.98 14.86
N LYS A 5 12.67 -0.24 15.50
CA LYS A 5 11.62 -0.82 16.34
C LYS A 5 10.81 -1.84 15.58
N ASP A 6 10.41 -2.91 16.26
CA ASP A 6 9.42 -3.81 15.70
C ASP A 6 8.09 -3.08 15.59
N CYS A 7 7.50 -3.09 14.39
CA CYS A 7 6.22 -2.46 14.14
C CYS A 7 5.11 -3.48 13.93
N ILE A 8 5.23 -4.31 12.90
CA ILE A 8 4.30 -5.39 12.62
C ILE A 8 5.02 -6.70 12.90
N THR A 9 4.47 -7.54 13.77
CA THR A 9 5.01 -8.86 14.00
C THR A 9 4.04 -9.91 13.47
N ILE A 10 4.54 -10.79 12.61
CA ILE A 10 3.78 -11.94 12.14
C ILE A 10 4.51 -13.19 12.63
N HIS A 11 3.80 -14.02 13.38
CA HIS A 11 4.40 -15.04 14.24
C HIS A 11 3.72 -16.38 13.97
N SER A 12 4.43 -17.28 13.28
CA SER A 12 3.93 -18.63 12.98
C SER A 12 2.51 -18.60 12.42
N ALA A 13 2.23 -17.60 11.60
CA ALA A 13 0.86 -17.27 11.22
C ALA A 13 0.47 -17.98 9.93
N THR A 14 -0.62 -18.75 9.99
CA THR A 14 -1.19 -19.44 8.85
C THR A 14 -2.61 -18.97 8.65
N PHE A 15 -2.94 -18.56 7.43
CA PHE A 15 -4.25 -17.98 7.13
C PHE A 15 -4.97 -18.78 6.05
N ALA A 16 -6.29 -18.73 6.11
CA ALA A 16 -7.14 -19.31 5.07
C ALA A 16 -8.38 -18.45 4.95
N TRP A 17 -9.17 -18.73 3.90
CA TRP A 17 -10.39 -17.97 3.68
C TRP A 17 -11.48 -18.36 4.67
N SER A 18 -11.50 -19.63 5.07
CA SER A 18 -12.28 -20.10 6.20
C SER A 18 -11.40 -21.00 7.04
N GLN A 19 -11.83 -21.27 8.28
CA GLN A 19 -11.05 -22.17 9.13
C GLN A 19 -10.88 -23.52 8.47
N GLU A 20 -11.87 -23.96 7.70
CA GLU A 20 -11.85 -25.30 7.10
C GLU A 20 -11.10 -25.32 5.78
N SER A 21 -11.01 -24.18 5.08
CA SER A 21 -10.32 -24.13 3.81
C SER A 21 -8.84 -24.40 3.99
N PRO A 22 -8.17 -24.96 2.98
CA PRO A 22 -6.74 -25.16 3.10
C PRO A 22 -6.04 -23.83 3.18
N PRO A 23 -4.95 -23.73 3.92
CA PRO A 23 -4.29 -22.43 4.09
C PRO A 23 -3.91 -21.81 2.77
N CYS A 24 -4.13 -20.50 2.66
CA CYS A 24 -3.65 -19.72 1.53
C CYS A 24 -2.37 -18.98 1.82
N LEU A 25 -2.04 -18.79 3.10
CA LEU A 25 -0.77 -18.21 3.54
C LEU A 25 -0.18 -19.16 4.58
N HIS A 26 1.04 -19.62 4.33
CA HIS A 26 1.63 -20.73 5.07
C HIS A 26 2.70 -20.21 6.02
N ARG A 27 2.40 -20.26 7.32
CA ARG A 27 3.35 -20.07 8.42
C ARG A 27 4.26 -18.87 8.17
N ILE A 28 3.66 -17.69 8.12
CA ILE A 28 4.43 -16.46 7.96
C ILE A 28 5.18 -16.16 9.24
N ASN A 29 6.47 -15.87 9.12
CA ASN A 29 7.33 -15.53 10.25
C ASN A 29 8.15 -14.31 9.83
N LEU A 30 7.69 -13.13 10.24
CA LEU A 30 8.27 -11.90 9.76
C LEU A 30 7.82 -10.75 10.66
N THR A 31 8.76 -9.87 11.01
CA THR A 31 8.43 -8.58 11.62
C THR A 31 8.98 -7.45 10.76
N VAL A 32 8.13 -6.45 10.50
CA VAL A 32 8.50 -5.30 9.70
C VAL A 32 8.96 -4.19 10.64
N PRO A 33 10.18 -3.68 10.49
CA PRO A 33 10.65 -2.59 11.37
C PRO A 33 9.83 -1.33 11.17
N GLN A 34 9.81 -0.50 12.21
CA GLN A 34 9.02 0.73 12.17
C GLN A 34 9.59 1.73 11.18
N GLY A 35 8.69 2.35 10.42
CA GLY A 35 9.07 3.44 9.55
C GLY A 35 9.78 3.06 8.27
N CYS A 36 9.68 1.80 7.85
CA CYS A 36 10.37 1.33 6.65
C CYS A 36 9.39 1.10 5.53
N LEU A 37 9.88 1.26 4.29
CA LEU A 37 9.11 0.90 3.10
C LEU A 37 9.47 -0.53 2.72
N LEU A 38 8.55 -1.45 2.96
CA LEU A 38 8.74 -2.85 2.60
C LEU A 38 7.95 -3.17 1.34
N ALA A 39 8.63 -3.71 0.34
CA ALA A 39 8.01 -4.08 -0.92
C ALA A 39 7.67 -5.57 -0.93
N VAL A 40 6.41 -5.90 -1.21
CA VAL A 40 5.94 -7.27 -1.31
C VAL A 40 5.74 -7.57 -2.79
N VAL A 41 6.36 -8.65 -3.27
CA VAL A 41 6.46 -8.93 -4.69
C VAL A 41 6.54 -10.44 -4.90
N GLY A 42 6.26 -10.85 -6.13
CA GLY A 42 6.13 -12.25 -6.46
C GLY A 42 5.24 -12.40 -7.68
N PRO A 43 5.13 -13.62 -8.21
CA PRO A 43 4.26 -13.85 -9.38
C PRO A 43 2.80 -13.68 -9.00
N VAL A 44 1.96 -13.56 -10.03
CA VAL A 44 0.52 -13.48 -9.79
C VAL A 44 0.06 -14.74 -9.10
N GLY A 45 -0.83 -14.57 -8.11
CA GLY A 45 -1.30 -15.68 -7.31
C GLY A 45 -0.39 -16.09 -6.18
N ALA A 46 0.74 -15.42 -5.98
CA ALA A 46 1.65 -15.75 -4.89
C ALA A 46 1.10 -15.34 -3.53
N GLY A 47 -0.06 -14.69 -3.48
CA GLY A 47 -0.68 -14.31 -2.23
C GLY A 47 -0.26 -12.97 -1.65
N LYS A 48 0.25 -12.06 -2.48
CA LYS A 48 0.64 -10.75 -1.97
C LYS A 48 -0.59 -9.95 -1.51
N SER A 49 -1.65 -9.97 -2.31
CA SER A 49 -2.88 -9.28 -1.93
C SER A 49 -3.42 -9.81 -0.61
N SER A 50 -3.51 -11.15 -0.49
CA SER A 50 -4.05 -11.75 0.71
C SER A 50 -3.20 -11.48 1.95
N LEU A 51 -1.90 -11.20 1.76
CA LEU A 51 -1.07 -10.84 2.90
C LEU A 51 -1.55 -9.55 3.56
N LEU A 52 -1.92 -8.56 2.74
CA LEU A 52 -2.49 -7.34 3.30
C LEU A 52 -3.85 -7.59 3.94
N SER A 53 -4.66 -8.46 3.32
CA SER A 53 -5.96 -8.79 3.90
C SER A 53 -5.81 -9.49 5.24
N ALA A 54 -4.81 -10.37 5.36
CA ALA A 54 -4.55 -11.03 6.64
C ALA A 54 -4.17 -10.01 7.70
N LEU A 55 -3.38 -9.01 7.33
CA LEU A 55 -3.01 -7.96 8.28
C LEU A 55 -4.21 -7.09 8.66
N LEU A 56 -5.23 -7.00 7.82
CA LEU A 56 -6.47 -6.32 8.15
C LEU A 56 -7.39 -7.18 9.02
N GLY A 57 -7.01 -8.42 9.30
CA GLY A 57 -7.87 -9.31 10.06
C GLY A 57 -9.02 -9.88 9.28
N GLU A 58 -8.99 -9.80 7.95
CA GLU A 58 -10.11 -10.23 7.13
C GLU A 58 -10.13 -11.73 6.87
N LEU A 59 -9.02 -12.41 7.07
CA LEU A 59 -8.96 -13.86 6.90
C LEU A 59 -9.11 -14.55 8.25
N SER A 60 -9.38 -15.85 8.21
CA SER A 60 -9.42 -16.65 9.42
C SER A 60 -8.01 -17.17 9.69
N LYS A 61 -7.45 -16.78 10.84
CA LYS A 61 -6.12 -17.20 11.22
C LYS A 61 -6.20 -18.61 11.81
N VAL A 62 -5.59 -19.57 11.12
CA VAL A 62 -5.59 -20.96 11.60
C VAL A 62 -4.63 -21.12 12.76
N GLU A 63 -3.47 -20.48 12.69
CA GLU A 63 -2.40 -20.66 13.65
C GLU A 63 -1.61 -19.35 13.71
N GLY A 64 -0.96 -19.12 14.83
CA GLY A 64 -0.07 -17.98 14.93
C GLY A 64 -0.69 -16.73 15.51
N PHE A 65 0.12 -15.67 15.51
CA PHE A 65 -0.24 -14.41 16.13
C PHE A 65 0.27 -13.26 15.27
N VAL A 66 -0.47 -12.15 15.31
CA VAL A 66 -0.13 -10.95 14.55
C VAL A 66 -0.31 -9.73 15.45
N SER A 67 0.69 -8.85 15.48
CA SER A 67 0.62 -7.62 16.25
C SER A 67 1.05 -6.46 15.36
N ILE A 68 0.24 -5.40 15.34
CA ILE A 68 0.55 -4.19 14.58
C ILE A 68 0.52 -2.99 15.52
N GLU A 69 1.56 -2.18 15.49
CA GLU A 69 1.66 -1.02 16.35
C GLU A 69 1.17 0.21 15.57
N GLY A 70 0.11 0.82 16.05
CA GLY A 70 -0.41 2.07 15.50
C GLY A 70 -1.61 1.85 14.60
N ALA A 71 -2.22 2.98 14.24
CA ALA A 71 -3.38 2.97 13.37
C ALA A 71 -2.98 2.56 11.96
N VAL A 72 -3.87 1.79 11.32
CA VAL A 72 -3.58 1.18 10.03
C VAL A 72 -4.53 1.74 8.98
N ALA A 73 -3.97 2.26 7.89
CA ALA A 73 -4.74 2.70 6.74
C ALA A 73 -4.52 1.72 5.59
N TYR A 74 -5.52 1.61 4.72
CA TYR A 74 -5.51 0.64 3.63
C TYR A 74 -5.91 1.33 2.34
N VAL A 75 -5.15 1.06 1.27
CA VAL A 75 -5.52 1.52 -0.07
C VAL A 75 -5.74 0.30 -0.95
N PRO A 76 -6.97 0.00 -1.33
CA PRO A 76 -7.22 -1.19 -2.14
C PRO A 76 -6.70 -1.01 -3.56
N GLN A 77 -6.62 -2.14 -4.28
CA GLN A 77 -6.15 -2.09 -5.66
C GLN A 77 -7.19 -1.46 -6.57
N GLU A 78 -8.45 -1.85 -6.42
CA GLU A 78 -9.56 -1.25 -7.15
C GLU A 78 -10.23 -0.24 -6.23
N ALA A 79 -10.00 1.04 -6.48
CA ALA A 79 -10.57 2.08 -5.65
C ALA A 79 -12.04 2.31 -5.98
N TRP A 80 -12.73 2.97 -5.06
CA TRP A 80 -14.11 3.39 -5.29
C TRP A 80 -14.42 4.47 -4.27
N VAL A 81 -15.12 5.51 -4.71
CA VAL A 81 -15.37 6.70 -3.92
C VAL A 81 -16.84 6.76 -3.57
N GLN A 82 -17.14 7.23 -2.37
CA GLN A 82 -18.53 7.47 -2.00
C GLN A 82 -19.06 8.70 -2.73
N ASN A 83 -20.36 8.71 -2.96
CA ASN A 83 -20.99 9.80 -3.72
C ASN A 83 -21.05 11.04 -2.84
N THR A 84 -20.11 11.96 -3.07
CA THR A 84 -19.83 13.04 -2.13
C THR A 84 -18.89 14.02 -2.82
N SER A 85 -18.70 15.19 -2.20
CA SER A 85 -17.66 16.12 -2.64
C SER A 85 -16.27 15.50 -2.48
N VAL A 86 -15.32 16.06 -3.24
CA VAL A 86 -13.95 15.54 -3.24
C VAL A 86 -13.35 15.60 -1.83
N VAL A 87 -13.53 16.74 -1.15
CA VAL A 87 -12.90 16.94 0.15
C VAL A 87 -13.42 15.94 1.18
N GLU A 88 -14.69 15.59 1.11
CA GLU A 88 -15.23 14.65 2.08
C GLU A 88 -14.90 13.20 1.74
N ASN A 89 -14.35 12.94 0.56
CA ASN A 89 -13.77 11.63 0.30
C ASN A 89 -12.37 11.54 0.90
N VAL A 90 -11.58 12.60 0.79
CA VAL A 90 -10.25 12.60 1.39
C VAL A 90 -10.36 12.61 2.90
N CYS A 91 -11.22 13.49 3.43
CA CYS A 91 -11.37 13.57 4.88
C CYS A 91 -12.06 12.33 5.42
N PHE A 92 -13.21 11.96 4.85
CA PHE A 92 -13.93 10.75 5.24
C PHE A 92 -14.20 10.73 6.74
N GLY A 93 -14.75 11.83 7.25
CA GLY A 93 -14.98 11.98 8.66
C GLY A 93 -13.81 12.51 9.46
N GLN A 94 -12.60 12.50 8.90
CA GLN A 94 -11.49 13.21 9.52
C GLN A 94 -11.80 14.70 9.61
N GLU A 95 -11.21 15.36 10.61
CA GLU A 95 -11.43 16.79 10.79
C GLU A 95 -10.65 17.56 9.73
N LEU A 96 -11.33 18.48 9.05
CA LEU A 96 -10.73 19.16 7.90
C LEU A 96 -9.56 20.02 8.34
N ASP A 97 -8.46 19.91 7.59
CA ASP A 97 -7.26 20.73 7.76
C ASP A 97 -6.93 21.28 6.38
N PRO A 98 -7.29 22.53 6.08
CA PRO A 98 -7.10 23.05 4.72
C PRO A 98 -5.65 23.02 4.28
N PRO A 99 -4.68 23.47 5.10
CA PRO A 99 -3.28 23.32 4.69
C PRO A 99 -2.89 21.88 4.42
N TRP A 100 -3.28 20.95 5.30
CA TRP A 100 -2.87 19.57 5.15
C TRP A 100 -3.63 18.89 4.02
N LEU A 101 -4.89 19.25 3.83
CA LEU A 101 -5.66 18.68 2.72
C LEU A 101 -5.06 19.09 1.39
N GLU A 102 -4.69 20.36 1.25
CA GLU A 102 -4.04 20.83 0.04
C GLU A 102 -2.75 20.07 -0.22
N ARG A 103 -1.95 19.87 0.83
CA ARG A 103 -0.70 19.12 0.70
C ARG A 103 -0.94 17.71 0.18
N VAL A 104 -1.99 17.04 0.70
CA VAL A 104 -2.24 15.66 0.32
C VAL A 104 -2.71 15.58 -1.12
N LEU A 105 -3.70 16.40 -1.49
CA LEU A 105 -4.19 16.42 -2.86
C LEU A 105 -3.06 16.77 -3.83
N GLU A 106 -2.16 17.64 -3.40
CA GLU A 106 -0.96 17.92 -4.19
C GLU A 106 -0.12 16.67 -4.36
N ALA A 107 0.28 16.04 -3.24
CA ALA A 107 1.17 14.90 -3.29
C ALA A 107 0.56 13.72 -4.03
N CYS A 108 -0.77 13.62 -4.02
CA CYS A 108 -1.47 12.60 -4.79
C CYS A 108 -1.77 13.04 -6.22
N ALA A 109 -1.17 14.14 -6.66
CA ALA A 109 -1.30 14.63 -8.04
C ALA A 109 -2.77 14.86 -8.40
N LEU A 110 -3.51 15.45 -7.47
CA LEU A 110 -4.92 15.76 -7.69
C LEU A 110 -5.21 17.24 -7.83
N GLN A 111 -4.25 18.12 -7.54
CA GLN A 111 -4.54 19.54 -7.59
C GLN A 111 -4.87 20.07 -8.99
N PRO A 112 -4.20 19.65 -10.07
CA PRO A 112 -4.69 20.05 -11.41
C PRO A 112 -6.15 19.67 -11.63
N ASP A 113 -6.50 18.41 -11.30
CA ASP A 113 -7.85 17.91 -11.55
C ASP A 113 -8.90 18.65 -10.73
N VAL A 114 -8.66 18.89 -9.44
CA VAL A 114 -9.67 19.58 -8.63
C VAL A 114 -9.80 21.03 -9.08
N ASP A 115 -8.71 21.63 -9.51
CA ASP A 115 -8.79 22.92 -10.20
C ASP A 115 -9.71 22.83 -11.41
N SER A 116 -9.64 21.72 -12.14
CA SER A 116 -10.44 21.55 -13.34
C SER A 116 -11.93 21.47 -13.01
N PHE A 117 -12.27 20.98 -11.82
CA PHE A 117 -13.67 20.73 -11.48
C PHE A 117 -14.43 22.05 -11.29
N PRO A 118 -15.76 22.01 -11.42
CA PRO A 118 -16.53 23.27 -11.34
C PRO A 118 -16.53 23.86 -9.94
N GLU A 119 -16.83 23.03 -8.94
CA GLU A 119 -16.81 23.44 -7.55
C GLU A 119 -15.49 23.11 -6.87
N GLY A 120 -14.49 22.67 -7.64
CA GLY A 120 -13.20 22.38 -7.04
C GLY A 120 -13.29 21.18 -6.10
N ILE A 121 -12.75 21.35 -4.89
CA ILE A 121 -12.75 20.27 -3.92
C ILE A 121 -14.16 19.93 -3.43
N HIS A 122 -15.11 20.85 -3.63
CA HIS A 122 -16.50 20.61 -3.23
C HIS A 122 -17.34 20.03 -4.36
N THR A 123 -16.72 19.65 -5.47
CA THR A 123 -17.45 19.05 -6.58
C THR A 123 -17.87 17.63 -6.23
N SER A 124 -19.17 17.37 -6.23
CA SER A 124 -19.67 16.05 -5.87
C SER A 124 -19.33 15.03 -6.94
N ILE A 125 -19.02 13.81 -6.49
CA ILE A 125 -18.78 12.67 -7.40
C ILE A 125 -19.68 11.49 -7.03
N GLY A 129 -22.86 12.45 -8.88
CA GLY A 129 -21.84 13.46 -9.11
C GLY A 129 -21.08 13.30 -10.41
N MET A 130 -19.94 14.00 -10.51
CA MET A 130 -19.19 14.01 -11.75
C MET A 130 -18.42 12.71 -11.93
N ASN A 131 -18.31 12.27 -13.19
CA ASN A 131 -17.60 11.04 -13.49
C ASN A 131 -16.10 11.24 -13.34
N LEU A 132 -15.44 10.21 -12.81
CA LEU A 132 -14.00 10.22 -12.55
C LEU A 132 -13.33 9.11 -13.33
N SER A 133 -12.11 9.37 -13.81
CA SER A 133 -11.33 8.32 -14.42
C SER A 133 -10.86 7.33 -13.36
N GLY A 134 -10.35 6.18 -13.82
CA GLY A 134 -9.83 5.19 -12.89
C GLY A 134 -8.62 5.68 -12.12
N GLY A 135 -7.75 6.47 -12.78
CA GLY A 135 -6.60 7.03 -12.11
C GLY A 135 -7.00 8.02 -11.02
N GLN A 136 -8.04 8.81 -11.29
CA GLN A 136 -8.49 9.80 -10.30
C GLN A 136 -9.05 9.12 -9.06
N LYS A 137 -9.91 8.12 -9.24
CA LYS A 137 -10.44 7.37 -8.10
C LYS A 137 -9.31 6.75 -7.29
N GLN A 138 -8.30 6.20 -7.95
CA GLN A 138 -7.20 5.57 -7.25
C GLN A 138 -6.38 6.59 -6.45
N ARG A 139 -6.15 7.77 -7.03
CA ARG A 139 -5.41 8.81 -6.32
C ARG A 139 -6.24 9.41 -5.20
N LEU A 140 -7.56 9.56 -5.41
CA LEU A 140 -8.44 10.01 -4.33
C LEU A 140 -8.45 8.99 -3.20
N SER A 141 -8.40 7.69 -3.55
CA SER A 141 -8.35 6.65 -2.53
C SER A 141 -7.10 6.76 -1.68
N LEU A 142 -5.94 6.91 -2.33
CA LEU A 142 -4.70 7.03 -1.57
C LEU A 142 -4.69 8.31 -0.75
N ALA A 143 -5.24 9.39 -1.29
CA ALA A 143 -5.33 10.64 -0.54
C ALA A 143 -6.09 10.46 0.76
N ARG A 144 -7.18 9.68 0.72
CA ARG A 144 -7.98 9.44 1.92
C ARG A 144 -7.16 8.76 3.01
N ALA A 145 -6.31 7.79 2.64
CA ALA A 145 -5.48 7.13 3.63
C ALA A 145 -4.36 8.04 4.13
N VAL A 146 -3.74 8.79 3.23
CA VAL A 146 -2.69 9.72 3.62
C VAL A 146 -3.24 10.78 4.55
N TYR A 147 -4.46 11.25 4.28
CA TYR A 147 -5.08 12.27 5.12
C TYR A 147 -5.28 11.77 6.55
N ARG A 148 -5.49 10.46 6.71
CA ARG A 148 -5.78 9.90 8.03
C ARG A 148 -4.60 10.03 8.99
N LYS A 149 -3.38 10.26 8.48
CA LYS A 149 -2.17 10.33 9.29
C LYS A 149 -2.01 9.05 10.12
N ALA A 150 -2.13 7.90 9.45
CA ALA A 150 -1.96 6.62 10.11
C ALA A 150 -0.48 6.33 10.31
N ALA A 151 -0.21 5.28 11.10
CA ALA A 151 1.15 4.85 11.36
C ALA A 151 1.59 3.68 10.50
N VAL A 152 0.64 2.88 10.03
CA VAL A 152 0.91 1.75 9.14
C VAL A 152 0.07 1.92 7.89
N TYR A 153 0.69 1.72 6.73
CA TYR A 153 0.00 1.84 5.45
C TYR A 153 0.18 0.54 4.68
N LEU A 154 -0.94 -0.13 4.39
CA LEU A 154 -0.97 -1.31 3.54
C LEU A 154 -1.44 -0.86 2.16
N LEU A 155 -0.55 -0.97 1.17
CA LEU A 155 -0.80 -0.46 -0.17
C LEU A 155 -0.81 -1.63 -1.14
N ASP A 156 -1.99 -1.91 -1.70
CA ASP A 156 -2.16 -3.01 -2.66
C ASP A 156 -2.03 -2.45 -4.07
N ASP A 157 -0.78 -2.22 -4.48
CA ASP A 157 -0.40 -1.69 -5.78
C ASP A 157 -1.33 -0.55 -6.22
N PRO A 158 -1.46 0.51 -5.43
CA PRO A 158 -2.43 1.55 -5.76
C PRO A 158 -2.07 2.37 -6.99
N LEU A 159 -0.81 2.34 -7.45
CA LEU A 159 -0.39 3.20 -8.54
C LEU A 159 -0.18 2.42 -9.84
N ALA A 160 -0.79 1.24 -9.96
CA ALA A 160 -0.50 0.35 -11.08
C ALA A 160 -0.97 0.94 -12.40
N ALA A 161 -2.25 1.31 -12.49
CA ALA A 161 -2.83 1.74 -13.75
C ALA A 161 -2.44 3.16 -14.15
N LEU A 162 -1.94 3.96 -13.20
CA LEU A 162 -1.63 5.35 -13.48
C LEU A 162 -0.50 5.45 -14.50
N ASP A 163 -0.56 6.50 -15.32
CA ASP A 163 0.47 6.71 -16.34
C ASP A 163 1.78 7.16 -15.68
N ALA A 164 2.88 6.85 -16.36
CA ALA A 164 4.20 6.79 -15.73
C ALA A 164 4.51 8.04 -14.91
N HIS A 165 4.37 9.22 -15.51
CA HIS A 165 4.76 10.44 -14.81
C HIS A 165 3.84 10.72 -13.63
N VAL A 166 2.54 10.48 -13.79
CA VAL A 166 1.62 10.61 -12.65
C VAL A 166 1.95 9.57 -11.59
N GLY A 167 2.20 8.32 -12.01
CA GLY A 167 2.61 7.30 -11.06
C GLY A 167 3.90 7.65 -10.36
N GLN A 168 4.87 8.19 -11.11
CA GLN A 168 6.08 8.73 -10.49
C GLN A 168 5.73 9.85 -9.52
N HIS A 169 4.95 10.82 -9.99
CA HIS A 169 4.50 11.93 -9.15
C HIS A 169 3.93 11.41 -7.84
N VAL A 170 2.97 10.49 -7.91
CA VAL A 170 2.34 10.03 -6.68
C VAL A 170 3.34 9.24 -5.83
N PHE A 171 4.08 8.30 -6.43
CA PHE A 171 5.00 7.49 -5.63
C PHE A 171 6.06 8.36 -4.95
N ASN A 172 6.72 9.23 -5.72
CA ASN A 172 7.77 10.08 -5.16
C ASN A 172 7.24 10.87 -3.97
N GLN A 173 6.02 11.38 -4.06
CA GLN A 173 5.59 12.42 -3.14
C GLN A 173 4.95 11.84 -1.89
N VAL A 174 4.31 10.68 -1.99
CA VAL A 174 3.63 10.17 -0.80
C VAL A 174 4.31 8.91 -0.26
N ILE A 175 4.79 8.02 -1.13
CA ILE A 175 5.19 6.68 -0.71
C ILE A 175 6.70 6.55 -0.51
N GLY A 176 7.49 7.13 -1.41
CA GLY A 176 8.93 6.90 -1.41
C GLY A 176 9.69 7.62 -0.31
N PRO A 177 11.02 7.57 -0.38
CA PRO A 177 11.85 8.27 0.61
C PRO A 177 11.55 9.75 0.64
N GLY A 178 11.37 10.29 1.85
CA GLY A 178 11.07 11.69 2.05
C GLY A 178 9.65 12.09 1.79
N GLY A 179 8.81 11.17 1.33
CA GLY A 179 7.44 11.49 1.01
C GLY A 179 6.60 11.82 2.24
N LEU A 180 5.30 12.00 1.98
CA LEU A 180 4.38 12.34 3.07
C LEU A 180 4.31 11.24 4.12
N LEU A 181 4.53 9.99 3.73
CA LEU A 181 4.47 8.85 4.64
C LEU A 181 5.86 8.37 5.05
N GLN A 182 6.84 9.27 5.12
CA GLN A 182 8.22 8.84 5.28
C GLN A 182 8.50 8.27 6.67
N GLY A 183 7.76 8.71 7.68
CA GLY A 183 7.94 8.17 9.01
C GLY A 183 7.13 6.92 9.30
N THR A 184 6.20 6.58 8.41
CA THR A 184 5.28 5.47 8.59
C THR A 184 5.89 4.17 8.10
N THR A 185 5.31 3.06 8.54
CA THR A 185 5.66 1.73 8.03
C THR A 185 4.74 1.42 6.86
N ARG A 186 5.32 1.32 5.68
CA ARG A 186 4.56 1.10 4.46
C ARG A 186 4.85 -0.31 3.94
N ILE A 187 3.80 -1.11 3.80
CA ILE A 187 3.86 -2.38 3.11
C ILE A 187 3.28 -2.16 1.72
N LEU A 188 4.15 -2.21 0.71
CA LEU A 188 3.75 -1.91 -0.66
C LEU A 188 3.84 -3.17 -1.50
N VAL A 189 2.69 -3.76 -1.81
CA VAL A 189 2.61 -4.78 -2.85
C VAL A 189 2.70 -4.07 -4.20
N THR A 190 3.64 -4.50 -5.04
CA THR A 190 3.85 -3.79 -6.30
C THR A 190 4.33 -4.77 -7.36
N ALA A 191 3.56 -4.87 -8.46
CA ALA A 191 4.01 -5.63 -9.62
C ALA A 191 5.12 -4.88 -10.35
N ALA A 192 5.12 -3.55 -10.24
CA ALA A 192 6.14 -2.74 -10.88
C ALA A 192 7.43 -2.79 -10.07
N LEU A 193 8.56 -2.94 -10.74
CA LEU A 193 9.83 -3.21 -10.08
C LEU A 193 10.83 -2.07 -10.24
N HIS A 194 10.41 -0.94 -10.81
CA HIS A 194 11.29 0.22 -10.86
C HIS A 194 11.46 0.85 -9.48
N ILE A 195 10.44 0.74 -8.62
CA ILE A 195 10.51 1.30 -7.28
C ILE A 195 11.34 0.48 -6.31
N LEU A 196 11.66 -0.76 -6.67
CA LEU A 196 12.32 -1.64 -5.70
C LEU A 196 13.67 -1.12 -5.20
N PRO A 197 14.50 -0.46 -5.99
CA PRO A 197 15.69 0.19 -5.40
C PRO A 197 15.33 1.21 -4.33
N GLN A 198 14.10 1.73 -4.33
CA GLN A 198 13.71 2.75 -3.36
C GLN A 198 13.24 2.15 -2.03
N ALA A 199 12.86 0.87 -2.02
CA ALA A 199 12.37 0.25 -0.80
C ALA A 199 13.52 -0.11 0.12
N ASP A 200 13.25 -0.08 1.43
CA ASP A 200 14.25 -0.50 2.41
C ASP A 200 14.42 -2.01 2.37
N TRP A 201 13.32 -2.74 2.34
CA TRP A 201 13.33 -4.20 2.32
C TRP A 201 12.39 -4.69 1.23
N ILE A 202 12.74 -5.85 0.68
CA ILE A 202 11.92 -6.52 -0.32
C ILE A 202 11.57 -7.89 0.21
N ILE A 203 10.29 -8.26 0.07
CA ILE A 203 9.79 -9.59 0.40
C ILE A 203 9.31 -10.22 -0.90
N VAL A 204 9.75 -11.45 -1.16
CA VAL A 204 9.33 -12.23 -2.32
C VAL A 204 8.50 -13.39 -1.83
N LEU A 205 7.31 -13.57 -2.43
CA LEU A 205 6.38 -14.63 -2.10
C LEU A 205 6.29 -15.64 -3.23
N ALA A 206 6.15 -16.91 -2.86
CA ALA A 206 5.96 -17.99 -3.82
C ALA A 206 4.88 -18.90 -3.25
N ASN A 207 3.72 -18.94 -3.91
CA ASN A 207 2.61 -19.81 -3.51
C ASN A 207 2.27 -19.64 -2.02
N GLY A 208 2.03 -18.39 -1.63
CA GLY A 208 1.55 -18.09 -0.30
C GLY A 208 2.58 -18.17 0.81
N ALA A 209 3.86 -18.26 0.49
CA ALA A 209 4.91 -18.34 1.50
C ALA A 209 6.04 -17.41 1.11
N ILE A 210 6.85 -17.05 2.11
CA ILE A 210 7.98 -16.15 1.88
C ILE A 210 9.14 -16.96 1.31
N ALA A 211 9.63 -16.53 0.16
CA ALA A 211 10.78 -17.17 -0.49
C ALA A 211 12.08 -16.42 -0.23
N GLU A 212 12.05 -15.09 -0.25
CA GLU A 212 13.25 -14.29 -0.12
C GLU A 212 12.92 -13.02 0.63
N MET A 213 13.90 -12.53 1.39
CA MET A 213 13.79 -11.19 1.96
C MET A 213 15.17 -10.56 2.07
N GLY A 214 15.28 -9.32 1.61
CA GLY A 214 16.50 -8.57 1.76
C GLY A 214 16.34 -7.20 1.13
N SER A 215 17.43 -6.45 1.12
CA SER A 215 17.45 -5.18 0.42
C SER A 215 17.46 -5.41 -1.09
N TYR A 216 17.50 -4.33 -1.85
CA TYR A 216 17.39 -4.46 -3.30
C TYR A 216 18.63 -5.12 -3.89
N GLN A 217 19.83 -4.62 -3.54
CA GLN A 217 21.05 -5.17 -4.10
C GLN A 217 21.49 -6.45 -3.39
N GLU A 218 21.04 -6.67 -2.16
CA GLU A 218 21.16 -7.99 -1.55
C GLU A 218 20.49 -9.03 -2.43
N LEU A 219 19.21 -8.81 -2.73
CA LEU A 219 18.42 -9.72 -3.57
C LEU A 219 18.83 -9.68 -5.03
N LEU A 220 19.66 -8.73 -5.44
CA LEU A 220 20.16 -8.67 -6.81
C LEU A 220 21.47 -9.44 -6.96
N GLN A 221 22.40 -9.20 -6.05
CA GLN A 221 23.64 -9.97 -5.98
C GLN A 221 23.34 -11.47 -5.94
N ARG A 222 22.57 -11.88 -4.93
CA ARG A 222 21.86 -13.14 -4.99
C ARG A 222 20.96 -13.15 -6.22
N LYS A 223 21.23 -14.06 -7.16
CA LYS A 223 20.38 -14.22 -8.34
C LYS A 223 19.41 -15.38 -8.11
N GLY A 224 18.29 -15.04 -7.45
CA GLY A 224 17.27 -16.02 -7.15
C GLY A 224 15.86 -15.55 -7.46
N ALA A 225 14.98 -15.52 -6.45
CA ALA A 225 13.56 -15.29 -6.69
C ALA A 225 13.29 -13.89 -7.23
N LEU A 226 13.94 -12.87 -6.67
CA LEU A 226 13.72 -11.51 -7.16
C LEU A 226 14.28 -11.33 -8.56
N VAL A 227 15.49 -11.85 -8.81
CA VAL A 227 16.10 -11.71 -10.13
C VAL A 227 15.34 -12.55 -11.16
N CYS A 228 14.91 -13.76 -10.77
CA CYS A 228 14.05 -14.56 -11.64
C CYS A 228 12.79 -13.79 -12.02
N LEU A 229 12.23 -13.07 -11.06
CA LEU A 229 11.00 -12.32 -11.29
C LEU A 229 11.24 -11.08 -12.15
N LEU A 230 12.40 -10.43 -11.98
CA LEU A 230 12.72 -9.27 -12.78
C LEU A 230 12.81 -9.61 -14.26
N ASP A 231 13.44 -10.75 -14.58
CA ASP A 231 13.56 -11.17 -15.96
C ASP A 231 12.25 -11.72 -16.52
N GLN A 232 11.31 -12.08 -15.66
CA GLN A 232 9.94 -12.35 -16.09
C GLN A 232 9.22 -11.02 -16.29
#